data_7YKP
#
_entry.id   7YKP
#
_cell.length_a   45.630
_cell.length_b   71.580
_cell.length_c   143.210
_cell.angle_alpha   90.000
_cell.angle_beta   90.000
_cell.angle_gamma   90.000
#
_symmetry.space_group_name_H-M   'C 2 2 21'
#
loop_
_entity.id
_entity.type
_entity.pdbx_description
1 polymer 'Triacylglycerol lipase'
2 non-polymer GLYCEROL
3 water water
#
_entity_poly.entity_id   1
_entity_poly.type   'polypeptide(L)'
_entity_poly.pdbx_seq_one_letter_code
;ANPYQRGPDPTESLLRAARGPFAVSEQSVSRLSVSGFGGGRIYYPTTTSQGTFGAIAISPGFTASWSSLAWLGPRLASHG
FVVIGIETNTRLDQPDSRGRQLLAALDYLTQRSSVRNRVDASRLAVAGHSMGGGGTLEAAKSRTSLKAAIPIAPWNLDKT
WPEVRTPTLIIGGELDSIAPVATHSIPFYNSLTNAREKAYLELNNASHFFPQFSNDTMAKFMISWMKRFIDDDTRYDQFL
CPPPRAIGDISDYRDTCPHT
;
_entity_poly.pdbx_strand_id   A
#
loop_
_chem_comp.id
_chem_comp.type
_chem_comp.name
_chem_comp.formula
GOL non-polymer GLYCEROL 'C3 H8 O3'
#
# COMPACT_ATOMS: atom_id res chain seq x y z
N ALA A 1 16.78 19.06 -1.32
CA ALA A 1 16.01 19.99 -0.51
C ALA A 1 14.97 19.23 0.31
N ASN A 2 14.30 18.24 -0.32
CA ASN A 2 13.47 17.32 0.44
C ASN A 2 14.34 16.21 0.99
N PRO A 3 14.52 16.13 2.31
CA PRO A 3 15.44 15.13 2.87
C PRO A 3 14.99 13.70 2.65
N TYR A 4 13.73 13.47 2.26
CA TYR A 4 13.19 12.12 2.10
C TYR A 4 13.19 11.68 0.63
N GLN A 5 13.60 12.54 -0.28
CA GLN A 5 13.59 12.22 -1.70
C GLN A 5 14.64 11.17 -2.02
N ARG A 6 14.25 10.15 -2.78
CA ARG A 6 15.19 9.11 -3.17
C ARG A 6 15.03 8.80 -4.64
N GLY A 7 16.13 8.41 -5.26
CA GLY A 7 16.06 7.85 -6.58
C GLY A 7 15.99 8.90 -7.69
N PRO A 8 16.04 8.43 -8.93
CA PRO A 8 16.14 9.32 -10.08
C PRO A 8 14.82 10.03 -10.38
N ASP A 9 14.93 11.11 -11.14
CA ASP A 9 13.73 11.79 -11.61
C ASP A 9 12.87 10.77 -12.37
N PRO A 10 11.58 10.64 -12.04
CA PRO A 10 10.82 9.48 -12.51
C PRO A 10 10.24 9.65 -13.91
N THR A 11 10.01 8.51 -14.56
CA THR A 11 9.35 8.45 -15.86
C THR A 11 8.38 7.27 -15.87
N GLU A 12 7.49 7.28 -16.89
CA GLU A 12 6.55 6.17 -17.07
C GLU A 12 7.29 4.84 -17.16
N SER A 13 8.39 4.82 -17.91
CA SER A 13 9.13 3.58 -18.09
C SER A 13 9.74 3.10 -16.78
N LEU A 14 10.27 4.01 -15.97
CA LEU A 14 10.82 3.63 -14.67
C LEU A 14 9.77 2.95 -13.81
N LEU A 15 8.54 3.47 -13.86
CA LEU A 15 7.47 2.94 -13.01
C LEU A 15 6.94 1.62 -13.53
N ARG A 16 7.01 1.39 -14.83
CA ARG A 16 6.44 0.18 -15.40
C ARG A 16 7.40 -1.00 -15.43
N ALA A 17 8.69 -0.77 -15.20
CA ALA A 17 9.66 -1.85 -15.20
C ALA A 17 9.43 -2.81 -14.01
N ALA A 18 9.90 -4.05 -14.17
CA ALA A 18 9.67 -5.06 -13.15
C ALA A 18 10.33 -4.69 -11.82
N ARG A 19 11.44 -3.95 -11.86
CA ARG A 19 12.11 -3.46 -10.66
C ARG A 19 12.43 -2.00 -10.84
N GLY A 20 12.36 -1.26 -9.73
CA GLY A 20 12.91 0.06 -9.63
C GLY A 20 14.42 0.04 -9.48
N PRO A 21 14.99 1.19 -9.12
CA PRO A 21 16.45 1.37 -9.23
C PRO A 21 17.29 0.82 -8.09
N PHE A 22 16.70 0.22 -7.05
CA PHE A 22 17.45 -0.31 -5.91
C PHE A 22 17.46 -1.83 -5.91
N ALA A 23 18.65 -2.42 -5.74
CA ALA A 23 18.75 -3.83 -5.41
C ALA A 23 18.06 -4.09 -4.08
N VAL A 24 17.44 -5.26 -3.97
CA VAL A 24 16.58 -5.62 -2.83
C VAL A 24 17.18 -6.80 -2.07
N SER A 25 17.18 -6.68 -0.74
CA SER A 25 17.48 -7.76 0.18
C SER A 25 16.18 -8.19 0.87
N GLU A 26 16.19 -9.40 1.43
CA GLU A 26 15.00 -9.95 2.05
C GLU A 26 15.34 -10.64 3.38
N GLN A 27 14.37 -10.65 4.28
CA GLN A 27 14.52 -11.34 5.56
C GLN A 27 13.20 -11.99 5.93
N SER A 28 13.23 -13.29 6.20
CA SER A 28 12.05 -13.98 6.70
C SER A 28 11.79 -13.63 8.16
N VAL A 29 10.52 -13.56 8.53
CA VAL A 29 10.09 -13.37 9.91
C VAL A 29 9.24 -14.59 10.28
N SER A 30 9.79 -15.48 11.10
CA SER A 30 9.08 -16.69 11.45
C SER A 30 7.89 -16.38 12.35
N ARG A 31 6.81 -17.13 12.12
CA ARG A 31 5.66 -17.08 13.01
C ARG A 31 6.08 -17.35 14.46
N LEU A 32 7.13 -18.16 14.67
CA LEU A 32 7.59 -18.48 16.02
C LEU A 32 8.20 -17.28 16.74
N SER A 33 8.52 -16.19 16.02
CA SER A 33 9.37 -15.12 16.53
C SER A 33 8.63 -13.84 16.87
N VAL A 34 7.34 -13.75 16.55
CA VAL A 34 6.58 -12.51 16.77
C VAL A 34 5.20 -12.86 17.30
N SER A 35 4.63 -11.89 18.01
CA SER A 35 3.25 -11.91 18.45
C SER A 35 2.50 -10.73 17.82
N GLY A 36 1.18 -10.90 17.66
CA GLY A 36 0.33 -9.85 17.14
C GLY A 36 0.14 -9.89 15.63
N PHE A 37 0.90 -10.74 14.93
CA PHE A 37 0.70 -11.05 13.52
C PHE A 37 1.39 -12.39 13.29
N GLY A 38 1.26 -12.94 12.08
CA GLY A 38 1.72 -14.28 11.83
C GLY A 38 3.11 -14.39 11.24
N GLY A 39 3.94 -13.38 11.43
CA GLY A 39 5.22 -13.34 10.74
C GLY A 39 5.05 -12.83 9.31
N GLY A 40 6.02 -13.13 8.47
CA GLY A 40 5.96 -12.67 7.08
C GLY A 40 7.34 -12.54 6.49
N ARG A 41 7.49 -11.53 5.64
CA ARG A 41 8.76 -11.33 4.96
C ARG A 41 9.02 -9.83 4.83
N ILE A 42 10.25 -9.42 5.08
CA ILE A 42 10.69 -8.05 4.92
C ILE A 42 11.53 -7.94 3.66
N TYR A 43 11.28 -6.89 2.87
CA TYR A 43 12.04 -6.60 1.66
C TYR A 43 12.57 -5.18 1.84
N TYR A 44 13.84 -4.96 1.49
CA TYR A 44 14.40 -3.63 1.74
C TYR A 44 15.51 -3.33 0.75
N PRO A 45 15.74 -2.05 0.43
CA PRO A 45 16.85 -1.72 -0.45
C PRO A 45 18.15 -2.09 0.25
N THR A 46 19.03 -2.80 -0.47
CA THR A 46 20.30 -3.18 0.15
C THR A 46 21.11 -1.97 0.57
N THR A 47 21.16 -0.95 -0.27
CA THR A 47 22.05 0.15 0.06
C THR A 47 21.50 1.06 1.16
N THR A 48 22.43 1.57 1.96
CA THR A 48 22.11 2.52 3.02
C THR A 48 22.69 3.89 2.71
N SER A 49 23.41 4.02 1.60
CA SER A 49 24.15 5.26 1.35
C SER A 49 23.24 6.43 1.03
N GLN A 50 22.01 6.20 0.59
CA GLN A 50 21.10 7.25 0.20
C GLN A 50 20.14 7.65 1.32
N GLY A 51 20.32 7.07 2.51
CA GLY A 51 19.52 7.41 3.66
C GLY A 51 18.54 6.29 4.04
N THR A 52 17.78 6.57 5.09
CA THR A 52 16.73 5.66 5.51
C THR A 52 15.53 5.78 4.58
N PHE A 53 14.63 4.81 4.68
CA PHE A 53 13.46 4.74 3.82
C PHE A 53 12.19 4.63 4.67
N GLY A 54 11.08 5.12 4.13
CA GLY A 54 9.78 4.84 4.70
C GLY A 54 9.43 3.39 4.51
N ALA A 55 8.38 2.96 5.22
CA ALA A 55 8.01 1.55 5.24
C ALA A 55 6.51 1.37 5.04
N ILE A 56 6.14 0.20 4.53
CA ILE A 56 4.74 -0.16 4.32
C ILE A 56 4.53 -1.60 4.78
N ALA A 57 3.45 -1.82 5.51
CA ALA A 57 3.02 -3.16 5.86
C ALA A 57 1.85 -3.54 4.96
N ILE A 58 1.84 -4.77 4.47
CA ILE A 58 0.87 -5.22 3.46
C ILE A 58 0.24 -6.53 3.88
N SER A 59 -1.10 -6.59 3.86
CA SER A 59 -1.88 -7.76 4.26
C SER A 59 -2.54 -8.45 3.09
N PRO A 60 -2.47 -9.77 3.02
CA PRO A 60 -3.29 -10.53 2.07
C PRO A 60 -4.75 -10.57 2.52
N GLY A 61 -5.58 -11.22 1.70
CA GLY A 61 -7.01 -11.33 1.95
C GLY A 61 -7.42 -12.62 2.64
N PHE A 62 -8.74 -12.72 2.86
CA PHE A 62 -9.37 -13.89 3.48
C PHE A 62 -8.99 -15.14 2.71
N THR A 63 -8.57 -16.17 3.45
CA THR A 63 -8.14 -17.51 3.02
C THR A 63 -6.71 -17.48 2.51
N ALA A 64 -6.07 -16.32 2.36
CA ALA A 64 -4.85 -16.21 1.57
C ALA A 64 -3.60 -16.12 2.43
N SER A 65 -2.48 -16.47 1.82
CA SER A 65 -1.16 -16.29 2.41
C SER A 65 -0.46 -15.11 1.73
N TRP A 66 0.63 -14.66 2.35
CA TRP A 66 1.43 -13.58 1.79
C TRP A 66 1.84 -13.89 0.34
N SER A 67 2.08 -15.16 0.02
CA SER A 67 2.48 -15.52 -1.33
C SER A 67 1.50 -15.00 -2.39
N SER A 68 0.24 -14.82 -2.04
CA SER A 68 -0.74 -14.28 -2.99
C SER A 68 -0.38 -12.88 -3.49
N LEU A 69 0.45 -12.13 -2.77
CA LEU A 69 0.84 -10.77 -3.13
C LEU A 69 2.35 -10.62 -3.24
N ALA A 70 3.10 -11.71 -3.18
CA ALA A 70 4.53 -11.59 -2.91
C ALA A 70 5.28 -10.80 -3.98
N TRP A 71 4.81 -10.78 -5.23
CA TRP A 71 5.49 -9.99 -6.26
C TRP A 71 5.63 -8.53 -5.85
N LEU A 72 4.73 -8.03 -5.00
CA LEU A 72 4.80 -6.65 -4.54
C LEU A 72 6.02 -6.38 -3.67
N GLY A 73 6.50 -7.39 -2.95
CA GLY A 73 7.59 -7.17 -2.04
C GLY A 73 8.81 -6.59 -2.74
N PRO A 74 9.38 -7.35 -3.67
CA PRO A 74 10.58 -6.85 -4.35
C PRO A 74 10.26 -5.66 -5.22
N ARG A 75 9.09 -5.64 -5.86
CA ARG A 75 8.81 -4.55 -6.78
C ARG A 75 8.70 -3.22 -6.04
N LEU A 76 7.91 -3.16 -4.96
CA LEU A 76 7.83 -1.91 -4.22
C LEU A 76 9.15 -1.56 -3.53
N ALA A 77 9.79 -2.55 -2.92
CA ALA A 77 11.02 -2.25 -2.18
C ALA A 77 12.09 -1.68 -3.11
N SER A 78 12.16 -2.17 -4.35
CA SER A 78 13.15 -1.73 -5.31
C SER A 78 12.98 -0.27 -5.72
N HIS A 79 11.87 0.38 -5.37
CA HIS A 79 11.75 1.81 -5.59
C HIS A 79 12.18 2.64 -4.38
N GLY A 80 12.62 1.99 -3.31
CA GLY A 80 13.13 2.70 -2.15
C GLY A 80 12.16 2.70 -0.99
N PHE A 81 11.74 1.52 -0.55
CA PHE A 81 10.82 1.36 0.56
C PHE A 81 11.18 0.08 1.28
N VAL A 82 10.93 0.06 2.58
CA VAL A 82 10.98 -1.19 3.32
C VAL A 82 9.56 -1.75 3.38
N VAL A 83 9.39 -2.97 2.90
CA VAL A 83 8.09 -3.61 2.84
C VAL A 83 8.06 -4.77 3.83
N ILE A 84 7.05 -4.81 4.70
CA ILE A 84 6.80 -6.02 5.50
C ILE A 84 5.48 -6.61 5.03
N GLY A 85 5.56 -7.73 4.33
CA GLY A 85 4.36 -8.46 3.93
C GLY A 85 4.04 -9.48 4.99
N ILE A 86 2.78 -9.47 5.49
CA ILE A 86 2.45 -10.27 6.65
C ILE A 86 1.70 -11.53 6.25
N GLU A 87 1.90 -12.56 7.05
CA GLU A 87 0.91 -13.62 7.23
C GLU A 87 0.03 -13.21 8.41
N THR A 88 -1.25 -13.52 8.33
CA THR A 88 -2.14 -13.22 9.44
C THR A 88 -2.18 -14.38 10.46
N ASN A 89 -2.66 -14.07 11.67
CA ASN A 89 -2.75 -15.08 12.72
C ASN A 89 -3.47 -16.33 12.23
N THR A 90 -4.62 -16.17 11.54
CA THR A 90 -5.16 -17.32 10.82
C THR A 90 -5.63 -16.74 9.46
N ARG A 91 -5.87 -17.65 8.51
CA ARG A 91 -6.32 -17.22 7.18
C ARG A 91 -7.71 -16.60 7.21
N LEU A 92 -8.49 -16.83 8.28
CA LEU A 92 -9.87 -16.39 8.31
C LEU A 92 -10.08 -15.15 9.19
N ASP A 93 -9.00 -14.43 9.51
CA ASP A 93 -9.13 -13.24 10.31
C ASP A 93 -9.93 -12.19 9.55
N GLN A 94 -10.73 -11.40 10.28
CA GLN A 94 -11.61 -10.39 9.70
C GLN A 94 -10.86 -9.08 9.46
N PRO A 95 -11.49 -8.11 8.78
CA PRO A 95 -10.78 -6.87 8.45
C PRO A 95 -10.26 -6.11 9.65
N ASP A 96 -11.07 -6.00 10.71
CA ASP A 96 -10.61 -5.23 11.86
C ASP A 96 -9.37 -5.87 12.48
N SER A 97 -9.34 -7.19 12.56
CA SER A 97 -8.18 -7.91 13.06
C SER A 97 -6.96 -7.69 12.16
N ARG A 98 -7.15 -7.76 10.84
CA ARG A 98 -6.05 -7.51 9.92
C ARG A 98 -5.47 -6.11 10.12
N GLY A 99 -6.34 -5.13 10.42
CA GLY A 99 -5.83 -3.80 10.71
C GLY A 99 -4.91 -3.78 11.92
N ARG A 100 -5.32 -4.45 13.01
CA ARG A 100 -4.45 -4.50 14.18
C ARG A 100 -3.14 -5.21 13.87
N GLN A 101 -3.19 -6.23 13.00
CA GLN A 101 -1.98 -6.99 12.69
C GLN A 101 -1.02 -6.16 11.83
N LEU A 102 -1.57 -5.35 10.92
CA LEU A 102 -0.72 -4.45 10.13
C LEU A 102 0.03 -3.48 11.04
N LEU A 103 -0.65 -2.92 12.04
CA LEU A 103 -0.01 -2.02 12.98
C LEU A 103 1.03 -2.76 13.83
N ALA A 104 0.72 -4.00 14.24
CA ALA A 104 1.69 -4.78 15.00
C ALA A 104 2.94 -5.06 14.17
N ALA A 105 2.76 -5.27 12.86
CA ALA A 105 3.91 -5.49 11.98
C ALA A 105 4.76 -4.24 11.86
N LEU A 106 4.13 -3.06 11.70
CA LEU A 106 4.91 -1.83 11.64
C LEU A 106 5.65 -1.59 12.94
N ASP A 107 5.00 -1.84 14.08
CA ASP A 107 5.63 -1.69 15.38
C ASP A 107 6.83 -2.63 15.51
N TYR A 108 6.67 -3.88 15.09
CA TYR A 108 7.79 -4.82 15.13
C TYR A 108 8.93 -4.33 14.24
N LEU A 109 8.60 -3.89 13.03
CA LEU A 109 9.62 -3.46 12.08
C LEU A 109 10.46 -2.34 12.66
N THR A 110 9.82 -1.36 13.27
CA THR A 110 10.51 -0.15 13.73
C THR A 110 11.11 -0.29 15.13
N GLN A 111 10.56 -1.17 15.96
CA GLN A 111 10.97 -1.24 17.36
C GLN A 111 11.93 -2.38 17.63
N ARG A 112 11.83 -3.49 16.90
CA ARG A 112 12.54 -4.72 17.26
C ARG A 112 13.26 -5.40 16.10
N SER A 113 12.80 -5.24 14.86
CA SER A 113 13.37 -6.01 13.77
C SER A 113 14.84 -5.66 13.58
N SER A 114 15.56 -6.56 12.91
CA SER A 114 16.97 -6.30 12.71
C SER A 114 17.24 -5.30 11.59
N VAL A 115 16.21 -4.84 10.88
CA VAL A 115 16.35 -3.79 9.89
C VAL A 115 15.80 -2.45 10.38
N ARG A 116 15.50 -2.34 11.68
CA ARG A 116 14.86 -1.12 12.18
C ARG A 116 15.68 0.13 11.89
N ASN A 117 17.01 0.04 11.87
CA ASN A 117 17.82 1.23 11.65
C ASN A 117 17.70 1.76 10.21
N ARG A 118 17.26 0.92 9.27
CA ARG A 118 17.07 1.35 7.88
C ARG A 118 15.76 2.08 7.66
N VAL A 119 14.84 2.03 8.64
CA VAL A 119 13.46 2.51 8.48
C VAL A 119 13.32 3.86 9.16
N ASP A 120 12.71 4.83 8.47
CA ASP A 120 12.31 6.09 9.11
C ASP A 120 10.95 5.85 9.77
N ALA A 121 10.97 5.70 11.10
CA ALA A 121 9.77 5.35 11.84
C ALA A 121 8.69 6.42 11.79
N SER A 122 8.99 7.63 11.31
CA SER A 122 7.99 8.68 11.15
C SER A 122 7.24 8.62 9.83
N ARG A 123 7.58 7.69 8.93
CA ARG A 123 7.07 7.68 7.55
C ARG A 123 6.63 6.26 7.23
N LEU A 124 5.42 5.93 7.66
CA LEU A 124 4.89 4.57 7.60
C LEU A 124 3.59 4.54 6.81
N ALA A 125 3.25 3.35 6.33
CA ALA A 125 2.10 3.19 5.46
C ALA A 125 1.53 1.79 5.59
N VAL A 126 0.32 1.61 5.07
CA VAL A 126 -0.37 0.32 5.05
C VAL A 126 -1.01 0.09 3.68
N ALA A 127 -1.13 -1.18 3.33
CA ALA A 127 -1.84 -1.59 2.12
C ALA A 127 -2.31 -3.02 2.33
N GLY A 128 -3.17 -3.47 1.42
CA GLY A 128 -3.67 -4.83 1.57
C GLY A 128 -4.76 -5.14 0.57
N HIS A 129 -4.97 -6.42 0.33
CA HIS A 129 -5.93 -6.91 -0.65
C HIS A 129 -7.17 -7.45 0.05
N SER A 130 -8.35 -7.06 -0.43
CA SER A 130 -9.61 -7.70 -0.05
C SER A 130 -9.87 -7.42 1.43
N MET A 131 -10.08 -8.42 2.30
CA MET A 131 -10.17 -8.09 3.73
C MET A 131 -8.90 -7.42 4.23
N GLY A 132 -7.75 -7.68 3.62
CA GLY A 132 -6.54 -6.93 3.96
C GLY A 132 -6.63 -5.47 3.57
N GLY A 133 -7.38 -5.16 2.51
CA GLY A 133 -7.68 -3.79 2.18
C GLY A 133 -8.67 -3.16 3.15
N GLY A 134 -9.66 -3.93 3.60
CA GLY A 134 -10.48 -3.48 4.71
C GLY A 134 -9.67 -3.19 5.96
N GLY A 135 -8.69 -4.06 6.23
CA GLY A 135 -7.79 -3.84 7.36
C GLY A 135 -6.88 -2.64 7.18
N THR A 136 -6.54 -2.30 5.94
CA THR A 136 -5.79 -1.08 5.65
C THR A 136 -6.55 0.14 6.14
N LEU A 137 -7.86 0.20 5.84
CA LEU A 137 -8.69 1.28 6.34
C LEU A 137 -8.78 1.26 7.86
N GLU A 138 -8.94 0.08 8.46
CA GLU A 138 -8.96 -0.01 9.92
C GLU A 138 -7.67 0.55 10.53
N ALA A 139 -6.52 0.17 9.97
CA ALA A 139 -5.26 0.66 10.50
C ALA A 139 -5.15 2.17 10.40
N ALA A 140 -5.55 2.74 9.26
CA ALA A 140 -5.53 4.18 9.09
C ALA A 140 -6.50 4.88 10.04
N LYS A 141 -7.65 4.25 10.32
CA LYS A 141 -8.57 4.83 11.29
C LYS A 141 -7.95 4.88 12.68
N SER A 142 -7.18 3.87 13.03
CA SER A 142 -6.59 3.78 14.36
C SER A 142 -5.33 4.60 14.52
N ARG A 143 -4.60 4.88 13.44
CA ARG A 143 -3.27 5.49 13.50
C ARG A 143 -3.22 6.62 12.47
N THR A 144 -3.68 7.80 12.86
CA THR A 144 -3.82 8.88 11.90
C THR A 144 -2.49 9.49 11.47
N SER A 145 -1.39 9.10 12.11
CA SER A 145 -0.05 9.52 11.69
C SER A 145 0.47 8.75 10.48
N LEU A 146 -0.19 7.67 10.06
CA LEU A 146 0.26 6.97 8.87
C LEU A 146 0.28 7.93 7.68
N LYS A 147 1.31 7.82 6.84
CA LYS A 147 1.51 8.78 5.75
C LYS A 147 0.81 8.36 4.45
N ALA A 148 0.52 7.07 4.27
CA ALA A 148 -0.20 6.61 3.08
C ALA A 148 -0.95 5.34 3.41
N ALA A 149 -2.04 5.12 2.68
CA ALA A 149 -2.86 3.92 2.80
C ALA A 149 -3.33 3.53 1.40
N ILE A 150 -3.16 2.25 1.05
CA ILE A 150 -3.57 1.76 -0.27
C ILE A 150 -4.42 0.49 -0.14
N PRO A 151 -5.73 0.63 0.07
CA PRO A 151 -6.61 -0.54 0.03
C PRO A 151 -6.78 -1.02 -1.40
N ILE A 152 -6.59 -2.32 -1.61
CA ILE A 152 -6.59 -2.93 -2.95
C ILE A 152 -7.75 -3.92 -3.02
N ALA A 153 -8.70 -3.67 -3.94
CA ALA A 153 -9.94 -4.42 -4.00
C ALA A 153 -10.48 -4.65 -2.58
N PRO A 154 -10.62 -3.58 -1.79
CA PRO A 154 -10.94 -3.75 -0.37
C PRO A 154 -12.34 -4.31 -0.14
N TRP A 155 -12.43 -5.11 0.91
CA TRP A 155 -13.68 -5.68 1.40
C TRP A 155 -13.82 -5.30 2.87
N ASN A 156 -14.98 -4.73 3.22
CA ASN A 156 -15.24 -4.39 4.61
C ASN A 156 -16.72 -4.10 4.76
N LEU A 157 -17.35 -4.66 5.80
CA LEU A 157 -18.75 -4.32 6.07
C LEU A 157 -18.87 -2.93 6.70
N ASP A 158 -17.80 -2.40 7.29
CA ASP A 158 -17.78 -1.01 7.74
C ASP A 158 -17.56 -0.14 6.51
N LYS A 159 -18.53 0.71 6.19
CA LYS A 159 -18.52 1.45 4.94
C LYS A 159 -18.03 2.87 5.07
N THR A 160 -17.95 3.44 6.28
CA THR A 160 -17.58 4.84 6.43
C THR A 160 -16.33 5.02 7.29
N TRP A 161 -15.51 6.01 6.90
CA TRP A 161 -14.15 6.13 7.39
C TRP A 161 -13.82 7.59 7.71
N PRO A 162 -14.69 8.29 8.46
CA PRO A 162 -14.45 9.71 8.72
C PRO A 162 -13.21 10.00 9.56
N GLU A 163 -12.72 9.04 10.33
CA GLU A 163 -11.55 9.30 11.16
C GLU A 163 -10.26 9.33 10.37
N VAL A 164 -10.25 8.75 9.17
CA VAL A 164 -9.01 8.62 8.41
C VAL A 164 -8.54 10.00 7.97
N ARG A 165 -7.28 10.32 8.30
CA ARG A 165 -6.63 11.55 7.84
C ARG A 165 -5.55 11.27 6.80
N THR A 166 -5.13 10.02 6.69
CA THR A 166 -4.01 9.63 5.84
C THR A 166 -4.40 9.71 4.36
N PRO A 167 -3.49 10.21 3.50
CA PRO A 167 -3.72 10.13 2.05
C PRO A 167 -3.95 8.70 1.59
N THR A 168 -5.12 8.47 0.97
CA THR A 168 -5.60 7.11 0.70
C THR A 168 -5.90 6.94 -0.79
N LEU A 169 -5.28 5.94 -1.39
CA LEU A 169 -5.53 5.53 -2.77
C LEU A 169 -6.22 4.18 -2.71
N ILE A 170 -7.47 4.11 -3.20
CA ILE A 170 -8.21 2.86 -3.29
C ILE A 170 -8.10 2.37 -4.73
N ILE A 171 -7.67 1.13 -4.91
CA ILE A 171 -7.55 0.55 -6.25
C ILE A 171 -8.63 -0.52 -6.35
N GLY A 172 -9.60 -0.31 -7.23
CA GLY A 172 -10.69 -1.26 -7.39
C GLY A 172 -10.66 -1.98 -8.74
N GLY A 173 -11.31 -3.13 -8.82
CA GLY A 173 -11.49 -3.84 -10.07
C GLY A 173 -12.90 -3.66 -10.59
N GLU A 174 -13.02 -3.11 -11.80
CA GLU A 174 -14.34 -2.77 -12.33
C GLU A 174 -15.34 -3.91 -12.20
N LEU A 175 -14.90 -5.14 -12.51
CA LEU A 175 -15.79 -6.28 -12.58
C LEU A 175 -15.68 -7.18 -11.35
N ASP A 176 -15.16 -6.67 -10.24
CA ASP A 176 -15.00 -7.45 -9.03
C ASP A 176 -16.38 -7.88 -8.52
N SER A 177 -16.58 -9.19 -8.38
CA SER A 177 -17.83 -9.73 -7.85
C SER A 177 -17.74 -10.12 -6.38
N ILE A 178 -16.54 -10.15 -5.82
CA ILE A 178 -16.33 -10.52 -4.43
C ILE A 178 -16.42 -9.31 -3.53
N ALA A 179 -15.75 -8.21 -3.90
CA ALA A 179 -15.85 -6.94 -3.20
C ALA A 179 -16.29 -5.90 -4.22
N PRO A 180 -17.55 -5.98 -4.69
CA PRO A 180 -17.96 -5.09 -5.79
C PRO A 180 -17.67 -3.63 -5.45
N VAL A 181 -17.14 -2.90 -6.44
CA VAL A 181 -16.75 -1.51 -6.19
C VAL A 181 -17.95 -0.65 -5.81
N ALA A 182 -19.14 -0.98 -6.32
CA ALA A 182 -20.32 -0.19 -5.99
C ALA A 182 -20.71 -0.29 -4.52
N THR A 183 -20.32 -1.35 -3.82
CA THR A 183 -20.71 -1.54 -2.43
C THR A 183 -19.53 -1.54 -1.45
N HIS A 184 -18.29 -1.61 -1.93
CA HIS A 184 -17.12 -1.56 -1.06
C HIS A 184 -16.28 -0.34 -1.45
N SER A 185 -15.40 -0.48 -2.46
CA SER A 185 -14.45 0.58 -2.82
C SER A 185 -15.08 1.97 -2.87
N ILE A 186 -16.13 2.15 -3.67
CA ILE A 186 -16.64 3.50 -3.94
C ILE A 186 -17.27 4.11 -2.70
N PRO A 187 -18.15 3.39 -1.99
CA PRO A 187 -18.60 3.92 -0.69
C PRO A 187 -17.45 4.27 0.25
N PHE A 188 -16.43 3.42 0.36
CA PHE A 188 -15.29 3.79 1.21
C PHE A 188 -14.71 5.12 0.75
N TYR A 189 -14.47 5.25 -0.55
CA TYR A 189 -13.86 6.45 -1.09
C TYR A 189 -14.68 7.68 -0.77
N ASN A 190 -15.99 7.62 -0.99
CA ASN A 190 -16.83 8.78 -0.74
C ASN A 190 -16.90 9.13 0.72
N SER A 191 -16.63 8.19 1.61
CA SER A 191 -16.70 8.43 3.04
C SER A 191 -15.42 9.03 3.62
N LEU A 192 -14.34 9.11 2.85
CA LEU A 192 -13.05 9.60 3.35
C LEU A 192 -13.02 11.13 3.36
N THR A 193 -13.97 11.70 4.12
CA THR A 193 -14.17 13.14 4.09
C THR A 193 -13.05 13.92 4.78
N ASN A 194 -12.24 13.27 5.61
CA ASN A 194 -11.16 13.94 6.32
C ASN A 194 -9.79 13.48 5.88
N ALA A 195 -9.70 12.64 4.86
CA ALA A 195 -8.40 12.26 4.33
C ALA A 195 -7.76 13.47 3.69
N ARG A 196 -6.47 13.70 3.98
CA ARG A 196 -5.83 14.91 3.48
C ARG A 196 -5.86 14.98 1.95
N GLU A 197 -5.65 13.84 1.28
CA GLU A 197 -5.85 13.68 -0.15
C GLU A 197 -6.37 12.27 -0.35
N LYS A 198 -7.02 12.01 -1.48
CA LYS A 198 -7.48 10.65 -1.77
C LYS A 198 -7.56 10.48 -3.28
N ALA A 199 -7.62 9.23 -3.71
CA ALA A 199 -7.86 8.91 -5.11
C ALA A 199 -8.49 7.54 -5.19
N TYR A 200 -9.22 7.32 -6.29
CA TYR A 200 -9.83 6.04 -6.61
C TYR A 200 -9.38 5.70 -8.03
N LEU A 201 -8.67 4.58 -8.17
CA LEU A 201 -8.23 4.03 -9.43
C LEU A 201 -9.04 2.76 -9.69
N GLU A 202 -9.83 2.74 -10.77
CA GLU A 202 -10.61 1.58 -11.14
C GLU A 202 -10.01 0.95 -12.39
N LEU A 203 -9.65 -0.32 -12.29
CA LEU A 203 -9.00 -1.04 -13.37
C LEU A 203 -10.05 -1.67 -14.28
N ASN A 204 -10.02 -1.27 -15.54
CA ASN A 204 -10.97 -1.71 -16.55
C ASN A 204 -11.03 -3.22 -16.65
N ASN A 205 -12.26 -3.76 -16.57
CA ASN A 205 -12.59 -5.17 -16.77
C ASN A 205 -11.89 -6.11 -15.78
N ALA A 206 -11.34 -5.58 -14.68
CA ALA A 206 -10.56 -6.39 -13.76
C ALA A 206 -11.47 -7.10 -12.75
N SER A 207 -11.08 -8.32 -12.40
CA SER A 207 -11.74 -9.11 -11.37
C SER A 207 -11.13 -8.82 -10.00
N HIS A 208 -11.65 -9.50 -8.98
CA HIS A 208 -11.13 -9.35 -7.63
C HIS A 208 -9.66 -9.74 -7.51
N PHE A 209 -9.17 -10.57 -8.42
CA PHE A 209 -7.85 -11.20 -8.28
C PHE A 209 -6.77 -10.49 -9.05
N PHE A 210 -7.04 -9.30 -9.56
CA PHE A 210 -6.00 -8.58 -10.28
C PHE A 210 -4.70 -8.41 -9.50
N PRO A 211 -4.68 -8.15 -8.20
CA PRO A 211 -3.37 -8.08 -7.54
C PRO A 211 -2.46 -9.29 -7.32
N GLN A 212 -3.01 -10.41 -7.66
CA GLN A 212 -2.23 -11.65 -7.42
C GLN A 212 -1.25 -11.88 -8.56
N PHE A 213 -1.20 -10.98 -9.51
CA PHE A 213 -0.39 -11.11 -10.72
C PHE A 213 0.21 -9.74 -11.01
N SER A 214 1.50 -9.72 -11.34
CA SER A 214 2.16 -8.47 -11.67
C SER A 214 1.29 -7.64 -12.60
N ASN A 215 1.05 -6.39 -12.20
CA ASN A 215 0.16 -5.51 -12.93
C ASN A 215 0.83 -4.14 -12.94
N ASP A 216 1.30 -3.72 -14.13
CA ASP A 216 2.14 -2.53 -14.22
C ASP A 216 1.37 -1.25 -13.91
N THR A 217 0.10 -1.16 -14.34
CA THR A 217 -0.66 0.04 -14.04
C THR A 217 -0.96 0.15 -12.56
N MET A 218 -1.37 -0.96 -11.93
CA MET A 218 -1.50 -0.98 -10.48
C MET A 218 -0.22 -0.51 -9.80
N ALA A 219 0.91 -1.11 -10.18
CA ALA A 219 2.17 -0.77 -9.52
C ALA A 219 2.55 0.68 -9.75
N LYS A 220 2.33 1.19 -10.97
CA LYS A 220 2.65 2.59 -11.24
C LYS A 220 1.97 3.52 -10.25
N PHE A 221 0.66 3.33 -10.05
CA PHE A 221 -0.06 4.25 -9.19
C PHE A 221 0.24 4.01 -7.72
N MET A 222 0.44 2.76 -7.33
CA MET A 222 0.81 2.49 -5.95
C MET A 222 2.15 3.13 -5.63
N ILE A 223 3.14 2.93 -6.51
CA ILE A 223 4.47 3.51 -6.29
C ILE A 223 4.39 5.03 -6.27
N SER A 224 3.65 5.63 -7.22
CA SER A 224 3.55 7.08 -7.24
C SER A 224 2.91 7.63 -5.98
N TRP A 225 1.85 6.96 -5.51
CA TRP A 225 1.17 7.41 -4.29
C TRP A 225 2.11 7.30 -3.08
N MET A 226 2.81 6.18 -2.99
CA MET A 226 3.77 5.97 -1.92
C MET A 226 4.88 7.02 -1.95
N LYS A 227 5.45 7.27 -3.14
CA LYS A 227 6.48 8.30 -3.25
C LYS A 227 5.94 9.66 -2.83
N ARG A 228 4.78 10.03 -3.37
CA ARG A 228 4.24 11.37 -3.13
C ARG A 228 3.97 11.60 -1.65
N PHE A 229 3.42 10.60 -0.97
CA PHE A 229 2.94 10.82 0.39
C PHE A 229 3.83 10.24 1.48
N ILE A 230 4.46 9.09 1.28
CA ILE A 230 5.43 8.62 2.27
C ILE A 230 6.68 9.48 2.26
N ASP A 231 7.16 9.85 1.07
CA ASP A 231 8.40 10.58 0.91
C ASP A 231 8.21 12.06 0.65
N ASP A 232 6.97 12.56 0.58
CA ASP A 232 6.70 13.95 0.19
C ASP A 232 7.32 14.26 -1.18
N ASP A 233 7.42 13.26 -2.04
CA ASP A 233 8.19 13.40 -3.27
C ASP A 233 7.27 13.97 -4.34
N THR A 234 7.26 15.30 -4.45
CA THR A 234 6.38 15.99 -5.39
C THR A 234 6.71 15.69 -6.85
N ARG A 235 7.88 15.12 -7.14
CA ARG A 235 8.16 14.74 -8.52
C ARG A 235 7.13 13.74 -9.02
N TYR A 236 6.58 12.91 -8.12
CA TYR A 236 5.65 11.87 -8.53
C TYR A 236 4.22 12.41 -8.67
N ASP A 237 3.94 13.66 -8.28
CA ASP A 237 2.64 14.25 -8.63
C ASP A 237 2.35 14.30 -10.10
N GLN A 238 3.38 14.31 -10.94
CA GLN A 238 3.10 14.37 -12.37
C GLN A 238 2.23 13.21 -12.83
N PHE A 239 2.27 12.07 -12.13
CA PHE A 239 1.48 10.91 -12.52
C PHE A 239 0.09 10.91 -11.92
N LEU A 240 -0.18 11.79 -10.96
CA LEU A 240 -1.40 11.79 -10.17
C LEU A 240 -2.31 12.97 -10.48
N CYS A 241 -1.72 14.11 -10.84
CA CYS A 241 -2.45 15.36 -11.06
C CYS A 241 -1.84 16.06 -12.28
N PRO A 242 -2.66 16.44 -13.28
CA PRO A 242 -4.08 16.10 -13.41
C PRO A 242 -4.26 14.58 -13.41
N PRO A 243 -5.48 14.13 -13.12
CA PRO A 243 -5.72 12.70 -13.09
C PRO A 243 -5.59 12.09 -14.46
N PRO A 244 -5.22 10.82 -14.56
CA PRO A 244 -5.16 10.16 -15.85
C PRO A 244 -6.55 10.04 -16.47
N ARG A 245 -6.59 10.04 -17.81
CA ARG A 245 -7.84 9.77 -18.50
C ARG A 245 -8.31 8.36 -18.22
N ALA A 246 -9.63 8.20 -18.13
CA ALA A 246 -10.24 6.87 -17.99
C ALA A 246 -10.36 6.26 -19.38
N ILE A 247 -9.26 5.63 -19.81
CA ILE A 247 -9.17 4.99 -21.11
C ILE A 247 -8.23 3.81 -20.95
N GLY A 248 -8.28 2.87 -21.90
CA GLY A 248 -7.38 1.73 -21.80
C GLY A 248 -7.66 0.95 -20.54
N ASP A 249 -6.63 0.70 -19.76
CA ASP A 249 -6.82 -0.16 -18.59
C ASP A 249 -7.40 0.56 -17.37
N ILE A 250 -7.75 1.84 -17.50
CA ILE A 250 -8.38 2.61 -16.41
C ILE A 250 -9.83 2.86 -16.82
N SER A 251 -10.78 2.28 -16.07
CA SER A 251 -12.20 2.55 -16.32
C SER A 251 -12.74 3.74 -15.54
N ASP A 252 -12.07 4.16 -14.46
CA ASP A 252 -12.49 5.35 -13.72
C ASP A 252 -11.29 5.81 -12.92
N TYR A 253 -11.22 7.12 -12.70
CA TYR A 253 -10.26 7.69 -11.75
C TYR A 253 -10.91 8.89 -11.09
N ARG A 254 -10.82 8.95 -9.76
CA ARG A 254 -11.35 10.07 -9.01
C ARG A 254 -10.22 10.64 -8.18
N ASP A 255 -10.21 11.96 -8.01
CA ASP A 255 -9.04 12.61 -7.44
C ASP A 255 -9.42 13.80 -6.58
N THR A 256 -8.42 14.28 -5.83
CA THR A 256 -8.52 15.50 -5.05
C THR A 256 -7.39 16.47 -5.43
N CYS A 257 -7.00 16.48 -6.69
CA CYS A 257 -5.99 17.43 -7.14
C CYS A 257 -6.47 18.86 -6.93
N PRO A 258 -5.62 19.85 -6.52
CA PRO A 258 -4.16 19.72 -6.30
C PRO A 258 -3.75 19.09 -4.97
N HIS A 259 -2.63 18.37 -4.97
CA HIS A 259 -2.07 17.80 -3.71
C HIS A 259 -1.21 18.89 -3.05
N THR A 260 -1.87 19.73 -2.29
CA THR A 260 -1.18 20.83 -1.58
C THR A 260 -0.19 20.21 -0.59
C1 GOL B . -14.34 -11.62 1.02
O1 GOL B . -13.25 -12.37 1.57
C2 GOL B . -15.59 -12.54 0.97
O2 GOL B . -15.39 -13.61 0.14
C3 GOL B . -15.89 -12.92 2.42
O3 GOL B . -17.12 -13.61 2.42
H11 GOL B . -14.14 -11.31 0.13
H12 GOL B . -14.54 -10.83 1.54
HO1 GOL B . -12.81 -12.69 0.92
H2 GOL B . -16.35 -12.06 0.62
HO2 GOL B . -15.43 -14.33 0.60
H31 GOL B . -15.90 -12.11 2.97
H32 GOL B . -15.15 -13.44 2.76
HO3 GOL B . -17.52 -13.41 3.14
#